data_3DRI
#
_entry.id   3DRI
#
_cell.length_a   39.669
_cell.length_b   123.224
_cell.length_c   59.604
_cell.angle_alpha   90.00
_cell.angle_beta   101.90
_cell.angle_gamma   90.00
#
_symmetry.space_group_name_H-M   'P 1 21 1'
#
loop_
_entity.id
_entity.type
_entity.pdbx_description
1 polymer 'Oligopeptide-binding protein oppA'
2 polymer 'peptide AASASA'
3 water water
#
loop_
_entity_poly.entity_id
_entity_poly.type
_entity_poly.pdbx_seq_one_letter_code
_entity_poly.pdbx_strand_id
1 'polypeptide(L)'
;MGSNQSSSTSTKKLKAGNFDVAYQNPDKAIKGGNLKVAYQSDSPMKAQWLSGLSNDATFATMSGPGGGQDGLFFTDSGFK
FIKGGAADVALDKESKTATITLRKDLKWSDGSEVTAKDYEFTYETIANPAYGSDRWTDSLANIVGLSDYHTGKAKTISGI
TFPDGENGKVIKVQFKEMKPGMTQSGNGYFLETVAPYQYLKDVAPKDLASSPKTTTKPLVTGPFKPENVVAGESIKYVPN
PYYWGEKPKLNSITYEVVSTAKSVAALSSSKYDIINGMVSSQYKQVKNLKGYKVLGQQAMYISLMYYNLGHYDAKNSINV
QDRKTPLQDQNVRQAIGYARNVAEVDNKFSNGLSTPANSLIPPIFKQFTSSSVKGYEKQDLDKANKLLDEDGWKLNKSTG
YREKDGKELSLVYAARVGDANAETIAQNYIQQWKKIGVKVSLYNGKLMEFNSWVDHMTTPPGANDWDITDGSWSLASEPS
QQDLFSAAAPYNFGHFNDSEITKDLNDIDSAKSENPTYRKAAFVKYQEDMNKKAYVIPTNFMLNYTPVNKRVVGMTLDYG
AMNTWSEIGVSSAKLATKGSIEGRHHHHHH
;
A
2 'polypeptide(L)' AASASA B
#
# COMPACT_ATOMS: atom_id res chain seq x y z
N LEU A 14 -8.85 16.08 12.88
CA LEU A 14 -8.84 15.13 11.74
C LEU A 14 -9.78 13.99 12.09
N LYS A 15 -10.63 13.60 11.14
CA LYS A 15 -11.46 12.41 11.28
C LYS A 15 -11.22 11.44 10.14
N ALA A 16 -11.50 10.19 10.40
CA ALA A 16 -11.49 9.14 9.40
C ALA A 16 -12.79 8.36 9.60
N GLY A 17 -13.77 8.58 8.72
CA GLY A 17 -15.11 8.10 9.01
C GLY A 17 -15.58 8.71 10.32
N ASN A 18 -16.14 7.89 11.20
CA ASN A 18 -16.56 8.33 12.53
C ASN A 18 -15.41 8.29 13.54
N PHE A 19 -14.22 7.88 13.11
CA PHE A 19 -13.09 7.77 14.03
C PHE A 19 -12.33 9.08 14.12
N ASP A 20 -11.74 9.32 15.28
CA ASP A 20 -10.74 10.37 15.43
C ASP A 20 -9.41 9.79 14.99
N VAL A 21 -8.60 10.60 14.31
CA VAL A 21 -7.27 10.23 13.91
C VAL A 21 -6.25 10.35 15.06
N ALA A 22 -6.50 11.28 15.99
CA ALA A 22 -5.62 11.56 17.12
C ALA A 22 -6.35 11.39 18.44
N TYR A 23 -5.61 10.91 19.43
CA TYR A 23 -6.11 10.86 20.79
C TYR A 23 -5.59 12.11 21.53
N GLN A 24 -6.47 13.10 21.70
CA GLN A 24 -6.13 14.33 22.43
C GLN A 24 -6.27 14.03 23.91
N ASN A 25 -5.18 13.63 24.54
CA ASN A 25 -5.18 13.33 25.97
C ASN A 25 -5.28 14.66 26.74
N PRO A 26 -6.23 14.75 27.69
CA PRO A 26 -6.36 15.99 28.46
C PRO A 26 -5.22 16.19 29.48
N ASP A 27 -4.52 15.11 29.81
CA ASP A 27 -3.47 15.12 30.81
C ASP A 27 -2.08 15.29 30.20
N LYS A 28 -1.20 16.00 30.90
CA LYS A 28 0.15 16.27 30.40
C LYS A 28 1.04 15.02 30.54
N ALA A 29 2.03 14.90 29.66
CA ALA A 29 2.98 13.79 29.73
C ALA A 29 3.91 13.98 30.93
N ILE A 30 4.30 12.89 31.56
CA ILE A 30 5.37 12.95 32.55
C ILE A 30 6.70 12.99 31.80
N LYS A 31 7.78 13.24 32.54
CA LYS A 31 9.13 13.07 32.00
C LYS A 31 9.46 11.59 32.14
N GLY A 32 9.91 10.97 31.07
CA GLY A 32 10.26 9.56 31.08
C GLY A 32 9.08 8.64 30.83
N GLY A 33 9.23 7.40 31.28
CA GLY A 33 8.21 6.37 31.14
C GLY A 33 8.59 5.33 30.09
N ASN A 34 7.87 4.21 30.10
CA ASN A 34 8.06 3.11 29.17
C ASN A 34 6.74 2.87 28.41
N LEU A 35 6.78 2.90 27.08
CA LEU A 35 5.60 2.57 26.29
C LEU A 35 5.66 1.11 25.86
N LYS A 36 4.53 0.43 25.96
CA LYS A 36 4.41 -0.98 25.60
C LYS A 36 3.53 -1.10 24.36
N VAL A 37 4.16 -1.48 23.24
CA VAL A 37 3.50 -1.56 21.96
C VAL A 37 3.55 -3.00 21.46
N ALA A 38 2.51 -3.43 20.77
CA ALA A 38 2.51 -4.74 20.13
C ALA A 38 2.07 -4.67 18.68
N TYR A 39 2.50 -5.66 17.90
CA TYR A 39 2.02 -5.87 16.56
C TYR A 39 1.33 -7.22 16.51
N GLN A 40 0.10 -7.24 15.99
CA GLN A 40 -0.64 -8.49 15.87
C GLN A 40 -0.13 -9.30 14.68
N SER A 41 0.42 -10.47 14.97
CA SER A 41 0.88 -11.41 13.97
C SER A 41 0.80 -12.82 14.52
N ASP A 42 0.35 -13.76 13.70
CA ASP A 42 0.36 -15.17 14.08
C ASP A 42 1.61 -15.90 13.57
N SER A 43 2.52 -15.11 13.00
CA SER A 43 3.84 -15.56 12.59
C SER A 43 4.92 -14.72 13.30
N PRO A 44 6.10 -15.32 13.56
CA PRO A 44 7.15 -14.54 14.22
C PRO A 44 7.67 -13.41 13.34
N MET A 45 8.12 -12.33 13.98
CA MET A 45 8.78 -11.24 13.25
C MET A 45 10.12 -11.77 12.73
N LYS A 46 10.62 -11.20 11.65
CA LYS A 46 11.99 -11.51 11.20
C LYS A 46 12.80 -10.23 11.19
N ALA A 47 13.72 -10.12 12.15
CA ALA A 47 14.51 -8.90 12.30
C ALA A 47 15.49 -8.75 11.14
N GLN A 48 15.40 -7.64 10.43
CA GLN A 48 16.36 -7.29 9.39
C GLN A 48 16.30 -5.78 9.23
N TRP A 49 17.36 -5.11 9.68
CA TRP A 49 17.36 -3.64 9.79
C TRP A 49 17.67 -2.95 8.47
N LEU A 50 18.15 -3.70 7.48
CA LEU A 50 18.42 -3.12 6.19
C LEU A 50 17.17 -3.24 5.34
N SER A 51 16.63 -2.10 4.92
CA SER A 51 15.39 -2.10 4.11
C SER A 51 15.48 -3.05 2.91
N GLY A 52 16.60 -2.99 2.19
CA GLY A 52 16.75 -3.75 0.94
C GLY A 52 16.71 -5.26 1.13
N LEU A 53 17.07 -5.73 2.32
CA LEU A 53 17.14 -7.17 2.64
C LEU A 53 15.92 -7.71 3.44
N SER A 54 15.05 -6.81 3.87
CA SER A 54 13.95 -7.15 4.73
C SER A 54 12.70 -7.45 3.91
N ASN A 55 12.10 -8.60 4.15
CA ASN A 55 10.90 -9.03 3.44
C ASN A 55 9.69 -9.23 4.34
N ASP A 56 9.83 -8.97 5.66
CA ASP A 56 8.77 -9.20 6.65
C ASP A 56 8.06 -7.90 7.03
N ALA A 57 6.80 -7.73 6.61
CA ALA A 57 6.00 -6.54 6.96
C ALA A 57 5.85 -6.31 8.46
N THR A 58 5.77 -7.38 9.24
CA THR A 58 5.66 -7.26 10.70
C THR A 58 6.86 -6.48 11.25
N PHE A 59 8.05 -6.96 10.93
CA PHE A 59 9.26 -6.27 11.42
C PHE A 59 9.41 -4.86 10.86
N ALA A 60 9.05 -4.66 9.59
CA ALA A 60 9.13 -3.33 9.01
C ALA A 60 8.40 -2.31 9.89
N THR A 61 7.20 -2.67 10.35
CA THR A 61 6.40 -1.80 11.21
C THR A 61 7.06 -1.67 12.59
N MET A 62 7.49 -2.80 13.14
CA MET A 62 8.17 -2.79 14.44
C MET A 62 9.50 -2.00 14.50
N SER A 63 10.12 -1.80 13.34
CA SER A 63 11.34 -0.99 13.24
C SER A 63 11.09 0.53 13.36
N GLY A 64 9.82 0.93 13.43
CA GLY A 64 9.45 2.35 13.45
C GLY A 64 10.23 3.24 14.42
N PRO A 65 10.30 2.86 15.72
CA PRO A 65 11.02 3.74 16.66
C PRO A 65 12.51 3.87 16.34
N GLY A 66 13.08 2.89 15.66
CA GLY A 66 14.49 2.93 15.29
C GLY A 66 14.82 3.67 14.01
N GLY A 67 13.78 4.26 13.41
CA GLY A 67 13.91 4.98 12.13
C GLY A 67 13.23 4.31 10.94
N GLY A 68 12.51 3.20 11.16
CA GLY A 68 11.78 2.56 10.06
C GLY A 68 12.70 2.00 8.98
N GLN A 69 13.78 1.35 9.41
CA GLN A 69 14.85 0.86 8.51
C GLN A 69 15.53 2.06 7.82
N ASP A 70 15.71 3.12 8.62
CA ASP A 70 16.52 4.29 8.28
C ASP A 70 16.07 5.02 7.02
N GLY A 71 14.76 5.27 6.97
CA GLY A 71 14.18 6.18 5.99
C GLY A 71 14.69 7.60 6.19
N LEU A 72 14.88 8.29 5.07
CA LEU A 72 15.50 9.62 5.09
C LEU A 72 14.53 10.79 5.07
N PHE A 73 13.35 10.62 4.47
CA PHE A 73 12.58 11.80 4.02
C PHE A 73 11.28 11.95 4.75
N PHE A 74 10.98 13.18 5.16
CA PHE A 74 9.67 13.51 5.68
C PHE A 74 8.74 13.73 4.51
N THR A 75 7.45 13.55 4.78
CA THR A 75 6.42 13.87 3.83
C THR A 75 5.29 14.65 4.51
N ASP A 76 4.40 15.16 3.69
CA ASP A 76 3.10 15.65 4.16
C ASP A 76 2.08 14.49 4.35
N SER A 77 0.85 14.81 4.73
N SER A 77 0.85 14.83 4.73
CA SER A 77 -0.15 13.77 5.01
CA SER A 77 -0.20 13.83 5.01
C SER A 77 -0.60 13.00 3.77
C SER A 77 -0.62 13.02 3.77
N GLY A 78 -0.23 13.50 2.60
CA GLY A 78 -0.46 12.78 1.33
C GLY A 78 0.79 12.12 0.75
N PHE A 79 1.83 12.00 1.55
CA PHE A 79 3.09 11.31 1.18
C PHE A 79 3.97 12.06 0.18
N LYS A 80 3.69 13.33 -0.04
CA LYS A 80 4.55 14.15 -0.88
C LYS A 80 5.76 14.57 -0.04
N PHE A 81 6.96 14.45 -0.61
CA PHE A 81 8.19 14.83 0.11
C PHE A 81 8.13 16.29 0.54
N ILE A 82 8.62 16.52 1.76
CA ILE A 82 8.88 17.85 2.27
C ILE A 82 10.32 17.89 2.81
N LYS A 83 10.80 19.08 3.15
CA LYS A 83 12.13 19.25 3.70
C LYS A 83 12.06 19.00 5.19
N GLY A 84 13.19 18.65 5.81
CA GLY A 84 13.23 18.65 7.27
C GLY A 84 13.40 17.33 7.98
N GLY A 85 13.37 16.24 7.22
CA GLY A 85 13.73 14.93 7.77
C GLY A 85 15.24 14.74 7.90
N ALA A 86 15.66 13.48 7.98
CA ALA A 86 17.09 13.16 8.07
C ALA A 86 17.87 13.70 6.86
N ALA A 87 17.21 13.74 5.71
CA ALA A 87 17.73 14.32 4.48
C ALA A 87 16.61 15.04 3.73
N ASP A 88 17.01 15.85 2.74
CA ASP A 88 16.13 16.47 1.77
C ASP A 88 16.42 15.89 0.39
N VAL A 89 15.42 15.85 -0.47
CA VAL A 89 15.61 15.52 -1.89
C VAL A 89 15.04 16.63 -2.74
N ALA A 90 15.78 16.98 -3.79
CA ALA A 90 15.38 18.02 -4.72
C ALA A 90 15.48 17.45 -6.12
N LEU A 91 14.51 17.78 -6.97
CA LEU A 91 14.48 17.30 -8.33
C LEU A 91 14.82 18.46 -9.27
N ASP A 92 15.72 18.22 -10.21
CA ASP A 92 15.98 19.17 -11.27
C ASP A 92 15.68 18.56 -12.62
N LYS A 93 14.59 19.02 -13.23
CA LYS A 93 14.14 18.53 -14.52
C LYS A 93 15.22 18.69 -15.59
N GLU A 94 15.87 19.85 -15.60
CA GLU A 94 16.81 20.22 -16.66
C GLU A 94 18.00 19.29 -16.74
N SER A 95 18.49 18.82 -15.60
CA SER A 95 19.62 17.90 -15.58
C SER A 95 19.23 16.47 -15.31
N LYS A 96 17.93 16.20 -15.20
CA LYS A 96 17.43 14.85 -14.94
C LYS A 96 18.10 14.24 -13.72
N THR A 97 18.13 15.00 -12.62
CA THR A 97 18.84 14.60 -11.42
C THR A 97 18.02 14.79 -10.15
N ALA A 98 18.16 13.81 -9.24
CA ALA A 98 17.72 13.98 -7.87
C ALA A 98 18.96 14.27 -7.01
N THR A 99 18.89 15.31 -6.20
CA THR A 99 19.93 15.62 -5.25
C THR A 99 19.47 15.34 -3.81
N ILE A 100 20.16 14.41 -3.17
CA ILE A 100 19.88 14.02 -1.80
C ILE A 100 20.90 14.67 -0.89
N THR A 101 20.42 15.51 0.04
CA THR A 101 21.32 16.19 0.98
C THR A 101 21.05 15.69 2.39
N LEU A 102 22.02 14.96 2.92
CA LEU A 102 21.94 14.43 4.29
C LEU A 102 22.19 15.55 5.27
N ARG A 103 21.51 15.53 6.42
CA ARG A 103 21.75 16.52 7.46
C ARG A 103 23.22 16.46 7.93
N LYS A 104 23.76 17.63 8.26
CA LYS A 104 25.09 17.75 8.82
C LYS A 104 25.27 16.86 10.04
N ASP A 105 24.28 16.84 10.93
CA ASP A 105 24.39 16.06 12.18
C ASP A 105 23.65 14.73 12.16
N LEU A 106 23.36 14.24 10.96
CA LEU A 106 22.81 12.90 10.81
C LEU A 106 23.91 11.91 11.13
N LYS A 107 23.70 11.11 12.17
CA LYS A 107 24.68 10.14 12.63
C LYS A 107 24.01 8.80 12.82
N TRP A 108 24.82 7.73 12.80
CA TRP A 108 24.38 6.42 13.26
C TRP A 108 24.37 6.37 14.79
N SER A 109 23.77 5.31 15.32
CA SER A 109 23.56 5.17 16.77
C SER A 109 24.85 4.91 17.56
N ASP A 110 25.95 4.69 16.87
CA ASP A 110 27.25 4.57 17.53
C ASP A 110 28.05 5.88 17.49
N GLY A 111 27.44 6.93 16.96
CA GLY A 111 28.03 8.26 16.85
C GLY A 111 28.74 8.55 15.55
N SER A 112 28.86 7.55 14.70
CA SER A 112 29.56 7.72 13.43
C SER A 112 28.66 8.49 12.47
N GLU A 113 29.29 9.17 11.51
CA GLU A 113 28.58 10.01 10.55
C GLU A 113 27.85 9.21 9.48
N VAL A 114 26.65 9.68 9.11
CA VAL A 114 25.99 9.20 7.92
C VAL A 114 26.49 10.00 6.72
N THR A 115 26.98 9.29 5.70
CA THR A 115 27.62 9.94 4.57
C THR A 115 27.05 9.50 3.25
N ALA A 116 27.45 10.19 2.19
CA ALA A 116 26.98 9.91 0.84
C ALA A 116 27.13 8.43 0.49
N LYS A 117 28.22 7.81 0.95
CA LYS A 117 28.47 6.39 0.67
C LYS A 117 27.40 5.50 1.27
N ASP A 118 26.92 5.85 2.47
CA ASP A 118 25.87 5.05 3.13
C ASP A 118 24.58 5.00 2.31
N TYR A 119 24.30 6.09 1.60
CA TYR A 119 23.16 6.15 0.71
C TYR A 119 23.38 5.31 -0.56
N GLU A 120 24.53 5.47 -1.19
CA GLU A 120 24.87 4.62 -2.33
C GLU A 120 24.86 3.14 -1.98
N PHE A 121 25.29 2.81 -0.78
CA PHE A 121 25.43 1.40 -0.38
C PHE A 121 24.09 0.68 -0.32
N THR A 122 23.03 1.41 0.03
CA THR A 122 21.66 0.90 -0.09
C THR A 122 21.43 0.35 -1.49
N TYR A 123 21.81 1.11 -2.51
CA TYR A 123 21.62 0.66 -3.89
C TYR A 123 22.36 -0.65 -4.13
N GLU A 124 23.57 -0.76 -3.60
CA GLU A 124 24.36 -1.98 -3.76
C GLU A 124 23.68 -3.18 -3.12
N THR A 125 23.10 -3.00 -1.93
CA THR A 125 22.43 -4.12 -1.26
C THR A 125 21.22 -4.69 -2.05
N ILE A 126 20.59 -3.86 -2.86
CA ILE A 126 19.42 -4.25 -3.65
C ILE A 126 19.81 -4.77 -5.04
N ALA A 127 20.80 -4.10 -5.66
CA ALA A 127 21.14 -4.27 -7.08
C ALA A 127 22.23 -5.32 -7.33
N ASN A 128 23.17 -5.46 -6.39
CA ASN A 128 24.16 -6.54 -6.43
C ASN A 128 23.51 -7.83 -5.94
N PRO A 129 23.31 -8.80 -6.84
CA PRO A 129 22.59 -10.04 -6.49
C PRO A 129 23.26 -10.88 -5.39
N ALA A 130 24.53 -10.61 -5.12
CA ALA A 130 25.27 -11.33 -4.09
C ALA A 130 24.63 -11.21 -2.69
N TYR A 131 23.98 -10.08 -2.40
CA TYR A 131 23.30 -9.89 -1.11
C TYR A 131 21.96 -10.63 -1.03
N GLY A 132 21.41 -11.04 -2.17
CA GLY A 132 20.18 -11.83 -2.20
C GLY A 132 18.88 -11.06 -2.00
N SER A 133 18.90 -9.77 -2.25
CA SER A 133 17.69 -8.97 -2.13
C SER A 133 16.61 -9.44 -3.09
N ASP A 134 15.36 -9.33 -2.66
CA ASP A 134 14.22 -9.54 -3.55
C ASP A 134 13.61 -8.22 -4.03
N ARG A 135 14.25 -7.10 -3.73
CA ARG A 135 13.63 -5.78 -3.92
C ARG A 135 14.08 -5.01 -5.17
N TRP A 136 14.87 -5.63 -6.06
CA TRP A 136 15.14 -5.02 -7.36
C TRP A 136 13.80 -4.82 -8.11
N THR A 137 13.64 -3.66 -8.73
CA THR A 137 12.53 -3.39 -9.63
C THR A 137 13.05 -2.83 -10.96
N ASP A 138 12.23 -2.96 -11.99
CA ASP A 138 12.49 -2.36 -13.30
C ASP A 138 12.69 -0.85 -13.20
N SER A 139 11.98 -0.22 -12.27
CA SER A 139 12.07 1.23 -12.11
C SER A 139 13.49 1.70 -11.86
N LEU A 140 14.29 0.87 -11.20
CA LEU A 140 15.67 1.22 -10.93
C LEU A 140 16.57 1.25 -12.20
N ALA A 141 16.15 0.56 -13.25
CA ALA A 141 16.87 0.58 -14.55
C ALA A 141 16.89 1.96 -15.21
N ASN A 142 16.00 2.84 -14.76
CA ASN A 142 15.98 4.25 -15.17
C ASN A 142 17.10 5.11 -14.54
N ILE A 143 17.83 4.58 -13.55
CA ILE A 143 19.00 5.26 -13.04
C ILE A 143 20.19 4.91 -13.92
N VAL A 144 20.86 5.94 -14.42
CA VAL A 144 21.96 5.73 -15.34
C VAL A 144 23.02 4.81 -14.73
N GLY A 145 23.39 3.76 -15.48
CA GLY A 145 24.45 2.84 -15.05
C GLY A 145 24.04 1.74 -14.07
N LEU A 146 22.81 1.80 -13.56
CA LEU A 146 22.41 0.88 -12.51
C LEU A 146 22.12 -0.52 -13.05
N SER A 147 21.42 -0.62 -14.18
CA SER A 147 21.24 -1.93 -14.83
C SER A 147 22.57 -2.64 -15.01
N ASP A 148 23.56 -1.92 -15.55
CA ASP A 148 24.88 -2.50 -15.80
C ASP A 148 25.58 -2.98 -14.54
N TYR A 149 25.36 -2.28 -13.43
CA TYR A 149 25.85 -2.75 -12.15
C TYR A 149 25.10 -4.02 -11.72
N HIS A 150 23.78 -4.03 -11.91
CA HIS A 150 22.90 -5.11 -11.46
C HIS A 150 23.24 -6.43 -12.17
N THR A 151 23.65 -6.33 -13.44
CA THR A 151 24.04 -7.52 -14.22
C THR A 151 25.53 -7.88 -14.15
N GLY A 152 26.31 -7.11 -13.43
CA GLY A 152 27.74 -7.42 -13.25
C GLY A 152 28.61 -6.91 -14.36
N LYS A 153 28.03 -6.13 -15.28
CA LYS A 153 28.77 -5.55 -16.39
C LYS A 153 29.64 -4.37 -15.93
N ALA A 154 29.17 -3.65 -14.92
CA ALA A 154 29.90 -2.51 -14.35
C ALA A 154 30.20 -2.74 -12.86
N LYS A 155 31.37 -2.29 -12.42
CA LYS A 155 31.80 -2.45 -11.03
C LYS A 155 31.23 -1.36 -10.12
N THR A 156 30.77 -0.27 -10.71
CA THR A 156 30.23 0.86 -9.97
C THR A 156 28.92 1.31 -10.63
N ILE A 157 28.20 2.21 -9.94
CA ILE A 157 26.96 2.76 -10.47
C ILE A 157 27.22 4.15 -11.03
N SER A 158 27.26 4.27 -12.35
CA SER A 158 27.75 5.50 -13.00
C SER A 158 26.86 6.72 -12.73
N GLY A 159 25.55 6.50 -12.66
CA GLY A 159 24.60 7.57 -12.37
C GLY A 159 24.56 8.10 -10.94
N ILE A 160 25.26 7.48 -10.01
CA ILE A 160 25.33 7.97 -8.64
C ILE A 160 26.73 8.58 -8.39
N THR A 161 26.74 9.88 -8.13
CA THR A 161 27.98 10.62 -7.91
C THR A 161 27.89 11.43 -6.62
N PHE A 162 29.05 11.88 -6.15
CA PHE A 162 29.16 12.55 -4.86
C PHE A 162 29.86 13.90 -5.02
N PRO A 163 29.08 14.99 -5.16
CA PRO A 163 29.68 16.34 -5.28
C PRO A 163 30.78 16.63 -4.26
N ASP A 164 30.67 16.09 -3.04
CA ASP A 164 31.65 16.33 -1.97
C ASP A 164 32.33 15.04 -1.51
N GLY A 165 32.41 14.07 -2.41
CA GLY A 165 33.06 12.81 -2.09
C GLY A 165 32.19 11.87 -1.30
N GLU A 166 32.72 10.68 -1.03
CA GLU A 166 32.01 9.61 -0.35
C GLU A 166 31.72 9.90 1.12
N ASN A 167 32.61 10.66 1.76
CA ASN A 167 32.44 11.01 3.17
C ASN A 167 31.75 12.36 3.33
N GLY A 168 31.29 12.94 2.23
CA GLY A 168 30.49 14.15 2.24
C GLY A 168 29.02 13.84 2.49
N LYS A 169 28.17 14.84 2.33
CA LYS A 169 26.74 14.72 2.66
C LYS A 169 25.77 14.77 1.47
N VAL A 170 26.30 14.85 0.25
CA VAL A 170 25.48 15.07 -0.91
C VAL A 170 25.61 13.92 -1.90
N ILE A 171 24.47 13.50 -2.44
CA ILE A 171 24.43 12.51 -3.49
C ILE A 171 23.56 12.99 -4.64
N LYS A 172 24.05 12.82 -5.87
CA LYS A 172 23.28 13.15 -7.07
C LYS A 172 23.01 11.84 -7.78
N VAL A 173 21.76 11.68 -8.19
CA VAL A 173 21.29 10.49 -8.89
C VAL A 173 20.78 10.94 -10.24
N GLN A 174 21.41 10.41 -11.29
CA GLN A 174 21.06 10.77 -12.66
C GLN A 174 20.13 9.74 -13.26
N PHE A 175 19.03 10.23 -13.83
CA PHE A 175 18.02 9.40 -14.49
C PHE A 175 18.08 9.50 -16.01
N LYS A 176 17.57 8.46 -16.66
CA LYS A 176 17.34 8.52 -18.11
C LYS A 176 16.13 9.42 -18.44
N GLU A 177 15.08 9.30 -17.62
CA GLU A 177 13.87 10.11 -17.78
C GLU A 177 13.36 10.49 -16.39
N MET A 178 12.85 11.72 -16.27
CA MET A 178 12.15 12.12 -15.03
C MET A 178 10.73 11.60 -15.07
N LYS A 179 10.16 11.40 -13.88
CA LYS A 179 8.81 10.90 -13.70
C LYS A 179 8.12 11.78 -12.68
N PRO A 180 6.86 12.19 -12.93
CA PRO A 180 6.20 13.07 -11.97
C PRO A 180 5.91 12.44 -10.59
N GLY A 181 5.88 11.12 -10.50
CA GLY A 181 5.73 10.45 -9.21
C GLY A 181 6.96 10.60 -8.32
N MET A 182 8.04 11.16 -8.85
CA MET A 182 9.27 11.32 -8.06
C MET A 182 9.15 12.23 -6.82
N THR A 183 8.07 13.00 -6.73
CA THR A 183 7.80 13.81 -5.54
C THR A 183 7.00 13.09 -4.47
N GLN A 184 6.65 11.82 -4.72
CA GLN A 184 5.89 11.00 -3.78
C GLN A 184 6.81 9.97 -3.15
N SER A 185 6.78 9.85 -1.83
CA SER A 185 7.44 8.74 -1.18
C SER A 185 6.86 7.42 -1.72
N GLY A 186 7.71 6.41 -1.83
CA GLY A 186 7.31 5.10 -2.34
C GLY A 186 7.33 5.00 -3.85
N ASN A 187 7.89 6.00 -4.53
CA ASN A 187 7.86 6.04 -6.01
C ASN A 187 8.69 4.94 -6.70
N GLY A 188 9.76 4.53 -6.04
CA GLY A 188 10.57 3.41 -6.52
C GLY A 188 11.65 3.77 -7.56
N TYR A 189 11.65 5.01 -8.04
CA TYR A 189 12.63 5.48 -9.04
C TYR A 189 13.95 5.82 -8.38
N PHE A 190 13.88 6.20 -7.11
CA PHE A 190 15.08 6.31 -6.28
C PHE A 190 14.72 5.78 -4.86
N LEU A 191 15.75 5.42 -4.10
CA LEU A 191 15.58 4.79 -2.80
C LEU A 191 15.61 5.84 -1.70
N GLU A 192 15.10 5.49 -0.52
CA GLU A 192 14.88 6.46 0.54
C GLU A 192 15.51 6.06 1.88
N THR A 193 16.45 5.12 1.86
CA THR A 193 17.12 4.65 3.09
C THR A 193 18.64 4.65 2.98
N VAL A 194 19.30 4.68 4.14
CA VAL A 194 20.76 4.54 4.24
C VAL A 194 21.12 3.22 4.92
N ALA A 195 22.33 2.76 4.64
CA ALA A 195 22.89 1.55 5.25
C ALA A 195 24.33 1.87 5.74
N PRO A 196 24.72 1.36 6.93
CA PRO A 196 25.98 1.78 7.52
C PRO A 196 27.19 1.08 6.88
N TYR A 197 27.69 1.68 5.80
CA TYR A 197 28.77 1.06 5.03
C TYR A 197 30.03 0.77 5.89
N GLN A 198 30.44 1.72 6.74
CA GLN A 198 31.66 1.51 7.55
C GLN A 198 31.49 0.37 8.54
N TYR A 199 30.27 0.15 9.00
CA TYR A 199 29.96 -0.95 9.92
C TYR A 199 29.89 -2.33 9.24
N LEU A 200 29.53 -2.35 7.95
CA LEU A 200 29.19 -3.61 7.26
C LEU A 200 30.14 -3.97 6.13
N LYS A 201 31.10 -3.10 5.84
CA LYS A 201 31.93 -3.24 4.64
C LYS A 201 32.74 -4.54 4.58
N ASP A 202 33.02 -5.16 5.73
CA ASP A 202 33.84 -6.40 5.79
C ASP A 202 33.02 -7.68 5.89
N VAL A 203 31.70 -7.53 5.93
CA VAL A 203 30.81 -8.68 5.91
C VAL A 203 30.61 -9.12 4.46
N ALA A 204 30.84 -10.41 4.21
CA ALA A 204 30.62 -10.95 2.86
C ALA A 204 29.17 -10.69 2.46
N PRO A 205 28.92 -10.18 1.22
CA PRO A 205 27.54 -9.92 0.79
C PRO A 205 26.57 -11.08 1.05
N LYS A 206 26.99 -12.31 0.76
CA LYS A 206 26.11 -13.48 0.97
C LYS A 206 25.80 -13.72 2.45
N ASP A 207 26.60 -13.17 3.36
CA ASP A 207 26.35 -13.29 4.80
C ASP A 207 25.70 -12.08 5.47
N LEU A 208 25.40 -11.05 4.69
CA LEU A 208 24.95 -9.80 5.28
C LEU A 208 23.58 -9.96 5.96
N ALA A 209 22.64 -10.60 5.28
CA ALA A 209 21.30 -10.77 5.83
C ALA A 209 21.28 -11.55 7.15
N SER A 210 22.19 -12.51 7.32
CA SER A 210 22.21 -13.33 8.54
C SER A 210 23.20 -12.82 9.59
N SER A 211 23.93 -11.76 9.29
CA SER A 211 24.91 -11.21 10.23
C SER A 211 24.20 -10.62 11.46
N PRO A 212 24.79 -10.80 12.68
CA PRO A 212 24.35 -10.04 13.87
C PRO A 212 24.20 -8.56 13.59
N LYS A 213 25.10 -8.01 12.78
CA LYS A 213 25.13 -6.60 12.45
C LYS A 213 23.92 -6.06 11.66
N THR A 214 23.07 -6.93 11.12
CA THR A 214 21.83 -6.47 10.49
C THR A 214 20.57 -7.04 11.15
N THR A 215 20.73 -7.72 12.29
CA THR A 215 19.62 -8.45 12.91
C THR A 215 19.52 -8.11 14.40
N THR A 216 20.44 -8.63 15.20
CA THR A 216 20.42 -8.45 16.67
C THR A 216 21.18 -7.22 17.13
N LYS A 217 22.20 -6.81 16.37
CA LYS A 217 23.10 -5.72 16.75
C LYS A 217 23.37 -4.74 15.62
N PRO A 218 22.32 -4.07 15.09
CA PRO A 218 22.48 -3.12 14.01
C PRO A 218 22.91 -1.72 14.46
N LEU A 219 23.29 -0.88 13.50
CA LEU A 219 23.31 0.57 13.72
C LEU A 219 22.05 1.17 13.09
N VAL A 220 21.46 2.17 13.73
CA VAL A 220 20.23 2.82 13.23
C VAL A 220 20.37 4.33 13.31
N THR A 221 19.42 5.05 12.71
CA THR A 221 19.48 6.52 12.69
C THR A 221 18.29 7.17 13.45
N GLY A 222 17.35 6.37 13.92
CA GLY A 222 16.11 6.90 14.47
C GLY A 222 16.24 7.44 15.88
N PRO A 223 15.13 7.94 16.45
CA PRO A 223 15.11 8.50 17.81
C PRO A 223 15.37 7.48 18.91
N PHE A 224 15.08 6.22 18.63
CA PHE A 224 15.44 5.12 19.51
C PHE A 224 16.37 4.13 18.80
N LYS A 225 17.14 3.37 19.58
CA LYS A 225 17.96 2.27 19.04
C LYS A 225 17.58 0.98 19.77
N PRO A 226 17.72 -0.18 19.10
CA PRO A 226 17.36 -1.45 19.69
C PRO A 226 18.47 -1.93 20.61
N GLU A 227 18.20 -1.85 21.91
CA GLU A 227 19.17 -2.30 22.93
C GLU A 227 19.17 -3.85 23.01
N ASN A 228 18.04 -4.46 22.69
CA ASN A 228 17.90 -5.92 22.74
C ASN A 228 16.88 -6.40 21.73
N VAL A 229 17.26 -7.39 20.94
CA VAL A 229 16.33 -8.02 20.00
C VAL A 229 16.19 -9.49 20.38
N VAL A 230 14.96 -9.92 20.66
CA VAL A 230 14.68 -11.34 20.89
C VAL A 230 14.09 -11.89 19.61
N ALA A 231 14.85 -12.76 18.95
CA ALA A 231 14.52 -13.25 17.62
C ALA A 231 13.06 -13.71 17.53
N GLY A 232 12.35 -13.23 16.53
CA GLY A 232 10.96 -13.62 16.32
C GLY A 232 9.91 -12.95 17.18
N GLU A 233 10.32 -12.21 18.22
CA GLU A 233 9.40 -11.80 19.29
C GLU A 233 9.31 -10.31 19.60
N SER A 234 10.46 -9.70 19.90
CA SER A 234 10.47 -8.40 20.55
C SER A 234 11.72 -7.55 20.34
N ILE A 235 11.53 -6.25 20.57
CA ILE A 235 12.62 -5.29 20.59
C ILE A 235 12.48 -4.43 21.85
N LYS A 236 13.57 -4.24 22.56
CA LYS A 236 13.67 -3.20 23.60
C LYS A 236 14.41 -2.01 23.02
N TYR A 237 13.69 -0.90 22.90
CA TYR A 237 14.19 0.33 22.34
C TYR A 237 14.59 1.27 23.45
N VAL A 238 15.73 1.93 23.29
CA VAL A 238 16.15 2.98 24.20
C VAL A 238 16.56 4.22 23.40
N PRO A 239 16.60 5.39 24.07
CA PRO A 239 16.94 6.60 23.33
C PRO A 239 18.28 6.50 22.61
N ASN A 240 18.29 6.99 21.38
CA ASN A 240 19.52 7.07 20.59
C ASN A 240 20.16 8.43 20.85
N PRO A 241 21.25 8.45 21.64
CA PRO A 241 21.87 9.72 22.00
C PRO A 241 22.23 10.61 20.81
N TYR A 242 22.51 10.02 19.65
CA TYR A 242 23.00 10.76 18.49
C TYR A 242 21.93 11.17 17.48
N TYR A 243 20.65 10.92 17.79
CA TYR A 243 19.56 11.37 16.96
C TYR A 243 19.68 12.89 16.75
N TRP A 244 19.55 13.30 15.49
CA TRP A 244 19.65 14.73 15.10
C TRP A 244 18.49 15.60 15.59
N GLY A 245 17.36 14.98 15.86
CA GLY A 245 16.14 15.71 16.13
C GLY A 245 15.91 15.81 17.60
N GLU A 246 14.64 15.89 17.97
CA GLU A 246 14.26 16.14 19.35
C GLU A 246 14.42 14.89 20.18
N LYS A 247 15.12 15.02 21.29
CA LYS A 247 15.23 13.95 22.27
C LYS A 247 13.83 13.45 22.64
N PRO A 248 13.63 12.13 22.67
CA PRO A 248 12.32 11.59 23.03
C PRO A 248 11.91 11.87 24.47
N LYS A 249 10.60 11.90 24.72
CA LYS A 249 10.07 11.99 26.07
C LYS A 249 10.30 10.70 26.88
N LEU A 250 10.12 9.57 26.21
CA LEU A 250 10.10 8.27 26.89
C LEU A 250 11.50 7.79 27.18
N ASN A 251 11.62 7.03 28.26
CA ASN A 251 12.86 6.34 28.63
C ASN A 251 13.08 5.08 27.79
N SER A 252 11.99 4.43 27.42
CA SER A 252 12.06 3.22 26.61
C SER A 252 10.72 2.89 25.96
N ILE A 253 10.81 2.06 24.92
CA ILE A 253 9.65 1.45 24.28
C ILE A 253 9.97 -0.03 24.11
N THR A 254 9.03 -0.89 24.45
CA THR A 254 9.10 -2.31 24.15
C THR A 254 8.10 -2.58 23.01
N TYR A 255 8.54 -3.29 21.99
CA TYR A 255 7.67 -3.61 20.87
C TYR A 255 7.66 -5.13 20.73
N GLU A 256 6.47 -5.75 20.81
CA GLU A 256 6.35 -7.22 20.79
C GLU A 256 5.29 -7.73 19.82
N VAL A 257 5.48 -8.95 19.33
CA VAL A 257 4.45 -9.66 18.57
C VAL A 257 3.40 -10.22 19.54
N VAL A 258 2.13 -10.05 19.18
CA VAL A 258 1.03 -10.68 19.91
C VAL A 258 0.14 -11.42 18.91
N SER A 259 -0.33 -12.61 19.30
CA SER A 259 -1.17 -13.42 18.43
C SER A 259 -2.57 -12.83 18.34
N THR A 260 -3.26 -13.18 17.26
CA THR A 260 -4.63 -12.71 17.06
C THR A 260 -5.48 -13.17 18.23
N ALA A 261 -5.29 -14.42 18.67
CA ALA A 261 -6.11 -14.99 19.73
C ALA A 261 -5.86 -14.38 21.12
N LYS A 262 -4.74 -13.68 21.28
CA LYS A 262 -4.37 -13.11 22.58
C LYS A 262 -4.48 -11.58 22.64
N SER A 263 -4.75 -10.94 21.50
CA SER A 263 -4.78 -9.48 21.44
C SER A 263 -5.86 -8.87 22.33
N VAL A 264 -7.10 -9.35 22.22
CA VAL A 264 -8.22 -8.75 22.99
C VAL A 264 -7.99 -8.87 24.51
N ALA A 265 -7.61 -10.06 24.98
CA ALA A 265 -7.24 -10.28 26.38
C ALA A 265 -6.10 -9.35 26.86
N ALA A 266 -5.17 -9.06 25.96
CA ALA A 266 -4.01 -8.21 26.25
C ALA A 266 -4.44 -6.77 26.47
N LEU A 267 -5.48 -6.34 25.75
CA LEU A 267 -6.09 -5.04 25.99
C LEU A 267 -6.87 -5.01 27.32
N SER A 268 -7.62 -6.07 27.58
CA SER A 268 -8.42 -6.16 28.81
C SER A 268 -7.55 -6.08 30.06
N SER A 269 -6.37 -6.69 30.00
CA SER A 269 -5.41 -6.66 31.11
C SER A 269 -4.42 -5.48 31.06
N SER A 270 -4.53 -4.64 30.03
CA SER A 270 -3.62 -3.49 29.84
C SER A 270 -2.14 -3.88 29.72
N LYS A 271 -1.88 -5.04 29.12
CA LYS A 271 -0.53 -5.50 28.83
C LYS A 271 0.18 -4.63 27.80
N TYR A 272 -0.60 -4.05 26.88
CA TYR A 272 -0.06 -3.14 25.85
C TYR A 272 -0.78 -1.80 25.83
N ASP A 273 -0.01 -0.74 25.66
CA ASP A 273 -0.56 0.60 25.52
C ASP A 273 -1.16 0.78 24.13
N ILE A 274 -0.51 0.16 23.13
CA ILE A 274 -0.92 0.27 21.73
C ILE A 274 -0.78 -1.11 21.10
N ILE A 275 -1.78 -1.54 20.34
CA ILE A 275 -1.65 -2.72 19.47
C ILE A 275 -1.92 -2.30 18.03
N ASN A 276 -0.92 -2.52 17.20
CA ASN A 276 -1.00 -2.27 15.76
C ASN A 276 -1.32 -3.51 14.94
N GLY A 277 -1.99 -3.30 13.81
CA GLY A 277 -2.31 -4.39 12.86
C GLY A 277 -3.48 -5.28 13.21
N MET A 278 -4.36 -4.83 14.09
CA MET A 278 -5.53 -5.61 14.45
C MET A 278 -6.51 -5.69 13.29
N VAL A 279 -7.15 -6.84 13.14
CA VAL A 279 -7.96 -7.09 11.96
C VAL A 279 -9.38 -6.61 12.19
N SER A 280 -10.09 -6.38 11.08
CA SER A 280 -11.41 -5.76 11.13
C SER A 280 -12.41 -6.52 11.99
N SER A 281 -12.34 -7.85 11.99
CA SER A 281 -13.29 -8.67 12.75
C SER A 281 -13.26 -8.42 14.26
N GLN A 282 -12.10 -8.04 14.80
CA GLN A 282 -11.96 -7.87 16.25
C GLN A 282 -12.48 -6.54 16.74
N TYR A 283 -12.87 -5.66 15.83
CA TYR A 283 -13.19 -4.30 16.21
C TYR A 283 -14.35 -4.23 17.23
N LYS A 284 -15.40 -5.02 17.04
CA LYS A 284 -16.55 -5.00 17.96
C LYS A 284 -16.18 -5.39 19.39
N GLN A 285 -15.16 -6.22 19.52
CA GLN A 285 -14.61 -6.62 20.82
C GLN A 285 -13.72 -5.52 21.44
N VAL A 286 -13.20 -4.64 20.59
CA VAL A 286 -12.31 -3.57 21.01
C VAL A 286 -13.08 -2.28 21.31
N LYS A 287 -14.05 -1.97 20.47
CA LYS A 287 -14.89 -0.75 20.61
C LYS A 287 -15.30 -0.48 22.05
N ASN A 288 -15.78 -1.52 22.73
CA ASN A 288 -16.36 -1.41 24.07
C ASN A 288 -15.37 -1.39 25.23
N LEU A 289 -14.09 -1.61 24.96
CA LEU A 289 -13.12 -1.70 26.03
C LEU A 289 -12.93 -0.35 26.72
N LYS A 290 -13.29 -0.31 27.99
CA LYS A 290 -13.02 0.85 28.79
C LYS A 290 -11.50 0.95 28.95
N GLY A 291 -11.02 2.18 29.05
CA GLY A 291 -9.60 2.40 29.26
C GLY A 291 -8.83 2.66 27.99
N TYR A 292 -9.48 2.49 26.83
CA TYR A 292 -8.85 2.70 25.52
C TYR A 292 -9.64 3.71 24.70
N LYS A 293 -8.90 4.48 23.90
CA LYS A 293 -9.44 5.31 22.83
C LYS A 293 -9.10 4.59 21.52
N VAL A 294 -10.09 4.31 20.68
CA VAL A 294 -9.82 3.62 19.42
C VAL A 294 -9.71 4.70 18.32
N LEU A 295 -8.54 4.78 17.72
CA LEU A 295 -8.26 5.70 16.63
C LEU A 295 -8.48 5.03 15.29
N GLY A 296 -8.85 5.83 14.29
CA GLY A 296 -9.03 5.29 12.95
C GLY A 296 -8.32 6.12 11.90
N GLN A 297 -8.02 5.50 10.77
CA GLN A 297 -7.35 6.20 9.67
C GLN A 297 -7.70 5.57 8.31
N GLN A 298 -7.77 6.41 7.28
CA GLN A 298 -8.00 5.96 5.92
C GLN A 298 -6.82 5.13 5.43
N ALA A 299 -7.12 3.91 4.95
CA ALA A 299 -6.09 2.99 4.45
C ALA A 299 -5.64 3.29 3.00
N MET A 300 -4.46 2.79 2.65
CA MET A 300 -3.91 2.90 1.30
C MET A 300 -4.29 1.58 0.61
N TYR A 301 -5.58 1.47 0.30
CA TYR A 301 -6.28 0.22 -0.07
C TYR A 301 -7.39 0.51 -1.06
N ILE A 302 -7.58 -0.41 -2.00
CA ILE A 302 -8.70 -0.41 -2.92
C ILE A 302 -9.11 -1.85 -3.21
N SER A 303 -10.40 -2.10 -3.12
CA SER A 303 -10.95 -3.36 -3.61
C SER A 303 -11.84 -3.05 -4.80
N LEU A 304 -11.92 -3.97 -5.74
CA LEU A 304 -12.65 -3.72 -6.97
C LEU A 304 -13.12 -5.01 -7.62
N MET A 305 -14.13 -4.88 -8.46
CA MET A 305 -14.66 -5.99 -9.27
C MET A 305 -14.09 -5.91 -10.70
N TYR A 306 -13.59 -7.04 -11.20
CA TYR A 306 -13.03 -7.14 -12.55
C TYR A 306 -13.97 -7.95 -13.45
N TYR A 307 -14.03 -7.59 -14.73
CA TYR A 307 -14.75 -8.35 -15.73
C TYR A 307 -13.74 -9.00 -16.68
N ASN A 308 -13.98 -10.24 -17.06
CA ASN A 308 -13.04 -10.98 -17.92
C ASN A 308 -13.34 -10.73 -19.41
N LEU A 309 -12.42 -10.02 -20.07
CA LEU A 309 -12.66 -9.44 -21.41
C LEU A 309 -11.62 -9.83 -22.47
N GLY A 310 -10.65 -10.69 -22.13
CA GLY A 310 -9.62 -11.06 -23.08
C GLY A 310 -8.57 -11.98 -22.53
N HIS A 311 -7.32 -11.80 -22.98
CA HIS A 311 -6.21 -12.66 -22.60
C HIS A 311 -4.95 -11.82 -22.58
N TYR A 312 -3.91 -12.34 -21.95
CA TYR A 312 -2.62 -11.68 -21.90
C TYR A 312 -1.60 -12.41 -22.78
N ASP A 313 -0.99 -11.65 -23.69
CA ASP A 313 0.07 -12.16 -24.57
C ASP A 313 1.42 -11.86 -23.92
N ALA A 314 1.98 -12.88 -23.26
CA ALA A 314 3.21 -12.69 -22.49
C ALA A 314 4.40 -12.41 -23.40
N LYS A 315 4.50 -13.11 -24.53
CA LYS A 315 5.64 -12.92 -25.41
C LYS A 315 5.72 -11.48 -25.88
N ASN A 316 4.58 -10.88 -26.21
CA ASN A 316 4.53 -9.50 -26.70
C ASN A 316 4.14 -8.48 -25.63
N SER A 317 4.04 -8.94 -24.38
CA SER A 317 3.66 -8.09 -23.24
C SER A 317 2.47 -7.17 -23.49
N ILE A 318 1.35 -7.76 -23.88
CA ILE A 318 0.18 -6.97 -24.20
C ILE A 318 -1.13 -7.72 -23.91
N ASN A 319 -2.08 -6.99 -23.33
CA ASN A 319 -3.44 -7.46 -23.15
C ASN A 319 -4.25 -7.29 -24.44
N VAL A 320 -5.01 -8.33 -24.80
CA VAL A 320 -5.82 -8.34 -26.00
C VAL A 320 -7.24 -8.60 -25.57
N GLN A 321 -8.12 -7.65 -25.86
CA GLN A 321 -9.49 -7.70 -25.33
C GLN A 321 -10.40 -8.48 -26.27
N ASP A 322 -10.15 -9.79 -26.41
CA ASP A 322 -10.78 -10.58 -27.48
C ASP A 322 -11.69 -11.72 -26.99
N ARG A 323 -12.20 -11.61 -25.77
CA ARG A 323 -13.08 -12.66 -25.23
C ARG A 323 -14.52 -12.46 -25.64
N LYS A 324 -15.16 -13.52 -26.14
CA LYS A 324 -16.60 -13.53 -26.39
C LYS A 324 -17.33 -13.55 -25.05
N THR A 325 -18.13 -12.51 -24.79
CA THR A 325 -18.90 -12.38 -23.54
C THR A 325 -19.83 -11.17 -23.64
N PRO A 326 -21.03 -11.27 -23.08
CA PRO A 326 -21.91 -10.10 -22.99
C PRO A 326 -21.29 -8.94 -22.24
N LEU A 327 -20.27 -9.18 -21.42
CA LEU A 327 -19.58 -8.12 -20.70
C LEU A 327 -18.77 -7.22 -21.63
N GLN A 328 -18.65 -7.58 -22.92
CA GLN A 328 -18.06 -6.65 -23.92
C GLN A 328 -18.97 -5.43 -24.13
N ASP A 329 -20.23 -5.55 -23.71
CA ASP A 329 -21.21 -4.46 -23.80
C ASP A 329 -21.11 -3.53 -22.60
N GLN A 330 -20.80 -2.25 -22.85
CA GLN A 330 -20.69 -1.26 -21.75
C GLN A 330 -21.95 -1.20 -20.88
N ASN A 331 -23.14 -1.23 -21.48
CA ASN A 331 -24.39 -1.25 -20.73
C ASN A 331 -24.49 -2.39 -19.74
N VAL A 332 -24.00 -3.56 -20.13
CA VAL A 332 -23.98 -4.74 -19.27
C VAL A 332 -23.01 -4.59 -18.12
N ARG A 333 -21.80 -4.10 -18.41
CA ARG A 333 -20.82 -3.86 -17.34
C ARG A 333 -21.34 -2.86 -16.31
N GLN A 334 -21.94 -1.77 -16.79
CA GLN A 334 -22.51 -0.77 -15.88
C GLN A 334 -23.67 -1.30 -15.06
N ALA A 335 -24.58 -2.02 -15.71
CA ALA A 335 -25.74 -2.58 -15.00
C ALA A 335 -25.33 -3.53 -13.89
N ILE A 336 -24.35 -4.39 -14.14
CA ILE A 336 -23.88 -5.32 -13.12
C ILE A 336 -23.27 -4.56 -11.93
N GLY A 337 -22.61 -3.44 -12.20
CA GLY A 337 -22.14 -2.55 -11.12
C GLY A 337 -23.27 -1.84 -10.36
N TYR A 338 -24.23 -1.27 -11.08
CA TYR A 338 -25.32 -0.52 -10.42
C TYR A 338 -26.24 -1.42 -9.56
N ALA A 339 -26.29 -2.71 -9.91
CA ALA A 339 -27.11 -3.69 -9.19
C ALA A 339 -26.58 -4.05 -7.79
N ARG A 340 -25.27 -3.95 -7.56
CA ARG A 340 -24.72 -4.36 -6.28
C ARG A 340 -25.17 -3.41 -5.19
N ASN A 341 -25.21 -3.93 -3.97
CA ASN A 341 -25.61 -3.16 -2.79
C ASN A 341 -24.42 -3.04 -1.84
N VAL A 342 -23.36 -2.41 -2.31
CA VAL A 342 -22.11 -2.34 -1.55
C VAL A 342 -22.27 -1.61 -0.21
N ALA A 343 -22.95 -0.46 -0.24
CA ALA A 343 -23.20 0.33 0.99
C ALA A 343 -23.95 -0.50 2.02
N GLU A 344 -24.98 -1.19 1.56
CA GLU A 344 -25.81 -2.00 2.47
C GLU A 344 -25.02 -3.15 3.10
N VAL A 345 -24.28 -3.86 2.25
CA VAL A 345 -23.30 -4.84 2.67
C VAL A 345 -22.34 -4.29 3.73
N ASP A 346 -21.73 -3.14 3.46
CA ASP A 346 -20.77 -2.54 4.39
C ASP A 346 -21.47 -2.21 5.70
N ASN A 347 -22.69 -1.68 5.58
CA ASN A 347 -23.43 -1.22 6.77
C ASN A 347 -23.78 -2.39 7.68
N LYS A 348 -24.11 -3.53 7.09
CA LYS A 348 -24.41 -4.73 7.86
C LYS A 348 -23.19 -5.35 8.53
N PHE A 349 -22.08 -5.39 7.81
CA PHE A 349 -20.96 -6.28 8.18
C PHE A 349 -19.66 -5.60 8.62
N SER A 350 -19.43 -4.35 8.24
CA SER A 350 -18.06 -3.80 8.32
C SER A 350 -17.70 -2.96 9.55
N ASN A 351 -18.70 -2.59 10.34
CA ASN A 351 -18.48 -1.75 11.52
C ASN A 351 -17.82 -0.40 11.15
N GLY A 352 -18.19 0.10 9.97
CA GLY A 352 -17.62 1.34 9.49
C GLY A 352 -16.18 1.20 9.05
N LEU A 353 -15.65 -0.03 8.98
CA LEU A 353 -14.26 -0.21 8.54
C LEU A 353 -14.09 -0.43 7.03
N SER A 354 -15.20 -0.73 6.33
CA SER A 354 -15.23 -0.71 4.86
C SER A 354 -16.24 0.34 4.47
N THR A 355 -15.89 1.20 3.52
CA THR A 355 -16.81 2.24 3.06
C THR A 355 -16.81 2.24 1.53
N PRO A 356 -18.00 2.43 0.91
CA PRO A 356 -18.06 2.26 -0.54
C PRO A 356 -17.11 3.19 -1.29
N ALA A 357 -16.38 2.60 -2.24
CA ALA A 357 -15.47 3.33 -3.10
C ALA A 357 -16.23 4.01 -4.24
N ASN A 358 -15.94 5.29 -4.46
CA ASN A 358 -16.44 6.03 -5.62
C ASN A 358 -15.53 5.97 -6.86
N SER A 359 -14.28 5.60 -6.64
CA SER A 359 -13.25 5.63 -7.64
C SER A 359 -12.10 4.72 -7.25
N LEU A 360 -11.15 4.54 -8.16
CA LEU A 360 -10.05 3.60 -7.96
C LEU A 360 -8.92 4.12 -7.07
N ILE A 361 -8.82 5.44 -6.92
CA ILE A 361 -7.78 5.99 -6.06
C ILE A 361 -8.39 6.29 -4.68
N PRO A 362 -7.80 5.73 -3.61
CA PRO A 362 -8.26 5.92 -2.24
C PRO A 362 -8.26 7.39 -1.81
N PRO A 363 -9.25 7.81 -1.00
CA PRO A 363 -9.39 9.23 -0.68
C PRO A 363 -8.25 9.83 0.17
N ILE A 364 -7.41 9.01 0.76
CA ILE A 364 -6.25 9.51 1.48
C ILE A 364 -5.32 10.32 0.54
N PHE A 365 -5.33 9.97 -0.75
CA PHE A 365 -4.56 10.73 -1.74
C PHE A 365 -5.35 11.97 -2.18
N LYS A 366 -5.43 12.98 -1.32
CA LYS A 366 -6.29 14.14 -1.59
C LYS A 366 -5.81 14.88 -2.84
N GLN A 367 -4.52 14.81 -3.09
CA GLN A 367 -3.89 15.47 -4.24
C GLN A 367 -4.10 14.72 -5.57
N PHE A 368 -4.72 13.53 -5.52
CA PHE A 368 -4.91 12.70 -6.71
C PHE A 368 -6.35 12.23 -6.93
N THR A 369 -7.30 12.71 -6.14
CA THR A 369 -8.66 12.29 -6.35
C THR A 369 -9.61 13.29 -5.77
N SER A 370 -10.90 12.98 -5.88
CA SER A 370 -11.97 13.86 -5.42
C SER A 370 -13.21 13.03 -5.16
N SER A 371 -13.96 13.42 -4.14
CA SER A 371 -15.20 12.74 -3.83
C SER A 371 -16.28 13.10 -4.84
N SER A 372 -16.00 14.08 -5.70
CA SER A 372 -16.93 14.46 -6.78
C SER A 372 -17.03 13.41 -7.87
N VAL A 373 -16.03 12.54 -7.94
CA VAL A 373 -16.06 11.45 -8.91
C VAL A 373 -17.16 10.44 -8.51
N LYS A 374 -18.08 10.15 -9.42
CA LYS A 374 -19.20 9.26 -9.15
C LYS A 374 -18.94 7.91 -9.79
N GLY A 375 -19.09 6.85 -9.01
CA GLY A 375 -19.04 5.47 -9.52
C GLY A 375 -20.30 4.71 -9.16
N TYR A 376 -20.11 3.55 -8.54
CA TYR A 376 -21.19 2.59 -8.27
C TYR A 376 -21.47 2.42 -6.77
N GLU A 377 -21.16 3.46 -6.01
CA GLU A 377 -21.31 3.47 -4.55
C GLU A 377 -22.78 3.50 -4.07
N LYS A 378 -23.70 3.84 -4.97
CA LYS A 378 -25.14 3.80 -4.67
C LYS A 378 -25.85 2.77 -5.56
N GLN A 379 -26.53 1.81 -4.94
CA GLN A 379 -27.33 0.86 -5.68
C GLN A 379 -28.40 1.57 -6.50
N ASP A 380 -28.57 1.15 -7.75
CA ASP A 380 -29.60 1.75 -8.61
C ASP A 380 -30.14 0.67 -9.53
N LEU A 381 -31.04 -0.14 -8.98
CA LEU A 381 -31.61 -1.26 -9.72
C LEU A 381 -32.47 -0.81 -10.90
N ASP A 382 -33.20 0.29 -10.76
CA ASP A 382 -33.94 0.90 -11.89
C ASP A 382 -33.02 1.14 -13.08
N LYS A 383 -31.89 1.81 -12.83
CA LYS A 383 -30.94 2.15 -13.88
C LYS A 383 -30.33 0.90 -14.50
N ALA A 384 -30.01 -0.09 -13.65
CA ALA A 384 -29.45 -1.35 -14.13
C ALA A 384 -30.41 -2.04 -15.10
N ASN A 385 -31.65 -2.18 -14.65
CA ASN A 385 -32.73 -2.75 -15.49
C ASN A 385 -32.95 -2.02 -16.82
N LYS A 386 -32.94 -0.69 -16.76
CA LYS A 386 -33.13 0.14 -17.95
C LYS A 386 -31.96 0.00 -18.92
N LEU A 387 -30.74 -0.05 -18.38
CA LEU A 387 -29.55 -0.26 -19.21
C LEU A 387 -29.62 -1.57 -20.00
N LEU A 388 -30.05 -2.64 -19.34
CA LEU A 388 -30.14 -3.95 -19.98
C LEU A 388 -31.31 -3.98 -20.97
N ASP A 389 -32.42 -3.34 -20.63
CA ASP A 389 -33.54 -3.22 -21.57
C ASP A 389 -33.11 -2.64 -22.89
N GLU A 390 -32.51 -1.44 -22.82
CA GLU A 390 -32.28 -0.66 -24.03
C GLU A 390 -31.15 -1.23 -24.87
N ASP A 391 -30.40 -2.17 -24.30
CA ASP A 391 -29.34 -2.90 -24.97
C ASP A 391 -29.85 -4.22 -25.54
N GLY A 392 -31.15 -4.50 -25.46
CA GLY A 392 -31.73 -5.69 -26.08
C GLY A 392 -31.79 -6.93 -25.20
N TRP A 393 -31.24 -6.86 -23.99
CA TRP A 393 -31.38 -7.99 -23.06
C TRP A 393 -32.78 -7.93 -22.48
N LYS A 394 -33.67 -8.72 -23.08
CA LYS A 394 -35.08 -8.66 -22.76
C LYS A 394 -35.46 -9.75 -21.74
N LEU A 395 -36.26 -9.36 -20.76
CA LEU A 395 -36.64 -10.24 -19.67
C LEU A 395 -37.60 -11.36 -20.12
N ASN A 396 -37.66 -12.41 -19.30
CA ASN A 396 -38.60 -13.51 -19.50
C ASN A 396 -39.77 -13.47 -18.54
N LYS A 397 -40.89 -13.98 -19.01
CA LYS A 397 -42.02 -14.28 -18.16
C LYS A 397 -41.62 -15.48 -17.28
N SER A 398 -41.26 -16.56 -17.96
CA SER A 398 -41.13 -17.89 -17.36
C SER A 398 -39.95 -17.92 -16.39
N THR A 399 -38.74 -17.81 -16.94
CA THR A 399 -37.54 -17.62 -16.13
C THR A 399 -37.50 -16.17 -15.71
N GLY A 400 -36.87 -15.87 -14.59
CA GLY A 400 -36.70 -14.47 -14.19
C GLY A 400 -35.52 -13.77 -14.84
N TYR A 401 -35.05 -14.32 -15.96
CA TYR A 401 -33.77 -13.90 -16.54
C TYR A 401 -33.90 -13.38 -17.96
N ARG A 402 -32.92 -12.57 -18.36
CA ARG A 402 -32.95 -11.84 -19.62
C ARG A 402 -32.27 -12.59 -20.76
N GLU A 403 -32.75 -12.36 -21.98
CA GLU A 403 -32.25 -13.03 -23.19
C GLU A 403 -32.03 -12.06 -24.34
N LYS A 404 -31.07 -12.38 -25.19
CA LYS A 404 -30.75 -11.57 -26.36
C LYS A 404 -30.24 -12.45 -27.49
N ASP A 405 -30.84 -12.30 -28.67
CA ASP A 405 -30.64 -13.22 -29.79
C ASP A 405 -30.76 -14.69 -29.32
N GLY A 406 -31.68 -14.95 -28.38
CA GLY A 406 -32.01 -16.32 -27.98
C GLY A 406 -31.22 -16.92 -26.82
N LYS A 407 -30.15 -16.25 -26.39
CA LYS A 407 -29.26 -16.78 -25.34
C LYS A 407 -29.45 -16.03 -24.02
N GLU A 408 -29.46 -16.78 -22.92
CA GLU A 408 -29.69 -16.22 -21.58
C GLU A 408 -28.44 -15.51 -21.02
N LEU A 409 -28.66 -14.48 -20.20
CA LEU A 409 -27.58 -13.69 -19.60
C LEU A 409 -27.14 -14.34 -18.30
N SER A 410 -26.14 -15.21 -18.41
CA SER A 410 -25.67 -16.05 -17.31
C SER A 410 -24.16 -15.87 -17.17
N LEU A 411 -23.69 -15.63 -15.93
CA LEU A 411 -22.27 -15.32 -15.69
C LEU A 411 -21.71 -16.11 -14.50
N VAL A 412 -20.40 -16.34 -14.52
CA VAL A 412 -19.69 -17.05 -13.48
C VAL A 412 -18.86 -16.07 -12.65
N TYR A 413 -19.03 -16.15 -11.34
CA TYR A 413 -18.42 -15.23 -10.38
C TYR A 413 -17.38 -15.96 -9.54
N ALA A 414 -16.11 -15.69 -9.83
CA ALA A 414 -14.99 -16.24 -9.07
C ALA A 414 -14.79 -15.39 -7.82
N ALA A 415 -15.71 -15.55 -6.88
CA ALA A 415 -15.62 -14.95 -5.55
C ALA A 415 -14.60 -15.74 -4.75
N ARG A 416 -13.96 -15.08 -3.80
CA ARG A 416 -12.94 -15.76 -3.02
C ARG A 416 -13.12 -15.69 -1.50
N VAL A 417 -12.44 -16.62 -0.84
CA VAL A 417 -12.28 -16.61 0.60
C VAL A 417 -11.48 -15.41 1.05
N GLY A 418 -11.76 -14.92 2.26
CA GLY A 418 -10.89 -13.91 2.89
C GLY A 418 -11.57 -13.08 3.94
N ASP A 419 -12.61 -12.38 3.53
CA ASP A 419 -13.47 -11.68 4.47
C ASP A 419 -14.22 -12.68 5.36
N ALA A 420 -14.37 -12.32 6.65
CA ALA A 420 -15.09 -13.14 7.64
C ALA A 420 -16.51 -13.58 7.24
N ASN A 421 -17.19 -12.73 6.44
CA ASN A 421 -18.51 -13.04 5.86
C ASN A 421 -18.46 -13.18 4.32
N ALA A 422 -17.35 -13.72 3.80
CA ALA A 422 -17.13 -13.83 2.36
C ALA A 422 -18.28 -14.54 1.64
N GLU A 423 -18.74 -15.66 2.21
CA GLU A 423 -19.85 -16.45 1.65
C GLU A 423 -21.13 -15.64 1.57
N THR A 424 -21.43 -14.92 2.64
CA THR A 424 -22.69 -14.23 2.79
C THR A 424 -22.74 -13.03 1.83
N ILE A 425 -21.61 -12.35 1.71
CA ILE A 425 -21.47 -11.18 0.85
C ILE A 425 -21.62 -11.58 -0.62
N ALA A 426 -20.96 -12.68 -1.00
CA ALA A 426 -21.05 -13.15 -2.37
C ALA A 426 -22.49 -13.54 -2.72
N GLN A 427 -23.20 -14.17 -1.78
CA GLN A 427 -24.57 -14.60 -2.07
C GLN A 427 -25.52 -13.41 -2.23
N ASN A 428 -25.32 -12.41 -1.39
CA ASN A 428 -26.06 -11.17 -1.48
C ASN A 428 -25.96 -10.54 -2.88
N TYR A 429 -24.75 -10.44 -3.39
CA TYR A 429 -24.56 -9.93 -4.76
C TYR A 429 -25.27 -10.79 -5.82
N ILE A 430 -25.15 -12.11 -5.71
CA ILE A 430 -25.86 -13.03 -6.60
C ILE A 430 -27.37 -12.74 -6.60
N GLN A 431 -27.91 -12.48 -5.42
CA GLN A 431 -29.33 -12.15 -5.30
C GLN A 431 -29.68 -10.78 -5.86
N GLN A 432 -28.76 -9.83 -5.75
CA GLN A 432 -29.01 -8.52 -6.37
C GLN A 432 -29.02 -8.69 -7.87
N TRP A 433 -28.15 -9.54 -8.38
CA TRP A 433 -28.03 -9.71 -9.83
C TRP A 433 -29.28 -10.42 -10.38
N LYS A 434 -29.85 -11.30 -9.57
CA LYS A 434 -31.12 -11.94 -9.95
C LYS A 434 -32.24 -10.89 -10.12
N LYS A 435 -32.23 -9.86 -9.27
CA LYS A 435 -33.20 -8.76 -9.35
C LYS A 435 -33.19 -8.00 -10.68
N ILE A 436 -32.05 -7.99 -11.39
CA ILE A 436 -31.97 -7.34 -12.71
C ILE A 436 -31.97 -8.35 -13.87
N GLY A 437 -32.30 -9.60 -13.54
CA GLY A 437 -32.45 -10.65 -14.53
C GLY A 437 -31.14 -11.25 -15.03
N VAL A 438 -30.10 -11.15 -14.22
CA VAL A 438 -28.82 -11.80 -14.52
C VAL A 438 -28.60 -12.98 -13.57
N LYS A 439 -28.37 -14.15 -14.15
CA LYS A 439 -28.13 -15.37 -13.41
C LYS A 439 -26.65 -15.50 -13.15
N VAL A 440 -26.25 -15.46 -11.88
CA VAL A 440 -24.83 -15.55 -11.52
C VAL A 440 -24.59 -16.74 -10.59
N SER A 441 -23.55 -17.51 -10.90
CA SER A 441 -23.13 -18.66 -10.11
C SER A 441 -21.68 -18.54 -9.67
N LEU A 442 -21.36 -19.13 -8.53
CA LEU A 442 -19.96 -19.19 -8.06
C LEU A 442 -19.10 -20.09 -8.94
N TYR A 443 -17.84 -19.72 -9.08
CA TYR A 443 -16.87 -20.54 -9.80
C TYR A 443 -16.72 -21.90 -9.12
N ASN A 444 -17.01 -22.98 -9.86
CA ASN A 444 -17.01 -24.35 -9.29
C ASN A 444 -17.94 -24.51 -8.07
N GLY A 445 -18.97 -23.67 -7.98
CA GLY A 445 -19.94 -23.72 -6.88
C GLY A 445 -19.44 -23.40 -5.48
N LYS A 446 -18.26 -22.78 -5.37
CA LYS A 446 -17.69 -22.47 -4.06
C LYS A 446 -16.79 -21.27 -4.16
N LEU A 447 -16.45 -20.69 -3.01
CA LEU A 447 -15.44 -19.60 -2.99
C LEU A 447 -14.07 -20.17 -3.31
N MET A 448 -13.23 -19.38 -3.98
CA MET A 448 -11.86 -19.78 -4.30
C MET A 448 -10.93 -19.46 -3.15
N GLU A 449 -9.98 -20.35 -2.90
CA GLU A 449 -8.91 -20.06 -1.95
C GLU A 449 -8.01 -19.02 -2.58
N PHE A 450 -7.34 -18.24 -1.73
CA PHE A 450 -6.52 -17.13 -2.18
C PHE A 450 -5.42 -17.58 -3.15
N ASN A 451 -4.69 -18.63 -2.79
CA ASN A 451 -3.56 -19.02 -3.62
C ASN A 451 -4.06 -19.54 -4.97
N SER A 452 -5.20 -20.22 -4.97
CA SER A 452 -5.85 -20.63 -6.22
C SER A 452 -6.25 -19.45 -7.06
N TRP A 453 -6.81 -18.44 -6.39
CA TRP A 453 -7.28 -17.23 -7.07
C TRP A 453 -6.12 -16.49 -7.72
N VAL A 454 -5.04 -16.27 -6.98
CA VAL A 454 -3.86 -15.62 -7.54
C VAL A 454 -3.34 -16.34 -8.79
N ASP A 455 -3.17 -17.65 -8.69
CA ASP A 455 -2.75 -18.48 -9.83
C ASP A 455 -3.68 -18.31 -11.02
N HIS A 456 -4.99 -18.35 -10.76
CA HIS A 456 -6.00 -18.30 -11.84
C HIS A 456 -5.91 -16.97 -12.59
N MET A 457 -5.66 -15.91 -11.84
CA MET A 457 -5.70 -14.56 -12.39
C MET A 457 -4.36 -14.13 -13.01
N THR A 458 -3.25 -14.70 -12.55
CA THR A 458 -1.93 -14.23 -12.96
C THR A 458 -1.16 -15.20 -13.87
N THR A 459 -1.72 -16.36 -14.19
CA THR A 459 -1.00 -17.27 -15.09
C THR A 459 -1.42 -16.95 -16.51
N PRO A 460 -0.48 -16.45 -17.32
CA PRO A 460 -0.89 -16.18 -18.69
C PRO A 460 -1.27 -17.48 -19.42
N PRO A 461 -2.16 -17.39 -20.41
CA PRO A 461 -2.76 -16.20 -21.00
C PRO A 461 -4.00 -15.70 -20.28
N GLY A 462 -4.38 -16.34 -19.18
CA GLY A 462 -5.64 -16.07 -18.53
C GLY A 462 -6.66 -17.14 -18.86
N ALA A 463 -7.57 -17.36 -17.92
CA ALA A 463 -8.63 -18.35 -18.10
C ALA A 463 -9.84 -17.78 -18.83
N ASN A 464 -10.65 -18.67 -19.38
CA ASN A 464 -11.86 -18.30 -20.10
C ASN A 464 -13.11 -18.77 -19.36
N ASP A 465 -12.95 -19.17 -18.09
CA ASP A 465 -14.01 -19.86 -17.37
C ASP A 465 -14.55 -19.08 -16.18
N TRP A 466 -14.27 -17.78 -16.16
CA TRP A 466 -14.89 -16.87 -15.20
C TRP A 466 -15.26 -15.60 -15.93
N ASP A 467 -16.26 -14.91 -15.39
CA ASP A 467 -16.74 -13.65 -15.93
C ASP A 467 -16.50 -12.46 -15.01
N ILE A 468 -16.78 -12.65 -13.72
CA ILE A 468 -16.65 -11.59 -12.68
C ILE A 468 -15.70 -12.10 -11.61
N THR A 469 -14.81 -11.23 -11.13
CA THR A 469 -14.01 -11.55 -9.91
C THR A 469 -13.74 -10.31 -9.09
N ASP A 470 -13.27 -10.50 -7.86
CA ASP A 470 -12.90 -9.42 -6.97
C ASP A 470 -11.40 -9.48 -6.72
N GLY A 471 -10.79 -8.31 -6.63
CA GLY A 471 -9.39 -8.16 -6.25
C GLY A 471 -9.27 -7.04 -5.23
N SER A 472 -8.15 -7.00 -4.51
CA SER A 472 -7.93 -5.94 -3.53
C SER A 472 -6.43 -5.72 -3.38
N TRP A 473 -6.06 -4.46 -3.26
CA TRP A 473 -4.68 -4.05 -3.32
C TRP A 473 -4.33 -3.13 -2.18
N SER A 474 -3.13 -3.36 -1.65
CA SER A 474 -2.47 -2.42 -0.78
C SER A 474 -1.58 -1.54 -1.64
N LEU A 475 -1.95 -0.28 -1.78
CA LEU A 475 -1.27 0.63 -2.70
C LEU A 475 -0.07 1.31 -2.07
N ALA A 476 0.98 1.49 -2.88
CA ALA A 476 2.15 2.25 -2.46
C ALA A 476 1.76 3.72 -2.40
N SER A 477 2.60 4.54 -1.76
CA SER A 477 2.27 5.95 -1.54
C SER A 477 2.46 6.84 -2.78
N GLU A 478 2.97 6.24 -3.85
CA GLU A 478 2.79 6.73 -5.22
C GLU A 478 1.82 5.74 -5.88
N PRO A 479 0.55 6.14 -6.03
CA PRO A 479 -0.52 5.19 -6.35
C PRO A 479 -0.56 4.85 -7.82
N SER A 480 0.53 4.29 -8.33
CA SER A 480 0.70 4.08 -9.77
C SER A 480 -0.30 3.13 -10.31
N GLN A 481 -0.97 3.52 -11.39
CA GLN A 481 -1.99 2.69 -12.00
C GLN A 481 -1.47 1.85 -13.16
N GLN A 482 -0.26 2.19 -13.64
CA GLN A 482 0.32 1.51 -14.82
C GLN A 482 0.49 0.01 -14.59
N ASP A 483 0.96 -0.40 -13.41
CA ASP A 483 1.26 -1.80 -13.17
C ASP A 483 0.00 -2.59 -12.82
N LEU A 484 -1.14 -1.89 -12.68
CA LEU A 484 -2.41 -2.57 -12.45
C LEU A 484 -3.31 -2.63 -13.69
N PHE A 485 -3.34 -1.57 -14.49
CA PHE A 485 -4.38 -1.42 -15.51
C PHE A 485 -3.91 -1.07 -16.91
N SER A 486 -2.61 -0.97 -17.14
CA SER A 486 -2.13 -0.60 -18.47
C SER A 486 -2.29 -1.76 -19.43
N ALA A 487 -2.17 -1.45 -20.72
CA ALA A 487 -2.31 -2.50 -21.74
C ALA A 487 -1.20 -3.55 -21.61
N ALA A 488 -0.05 -3.16 -21.07
CA ALA A 488 1.07 -4.08 -20.93
C ALA A 488 1.11 -4.85 -19.61
N ALA A 489 0.21 -4.56 -18.69
CA ALA A 489 0.36 -5.05 -17.31
C ALA A 489 -0.13 -6.48 -17.18
N PRO A 490 0.70 -7.38 -16.65
CA PRO A 490 0.16 -8.72 -16.40
C PRO A 490 -0.96 -8.78 -15.34
N TYR A 491 -1.02 -7.79 -14.45
CA TYR A 491 -2.03 -7.70 -13.40
C TYR A 491 -3.36 -7.08 -13.88
N ASN A 492 -3.45 -6.74 -15.17
CA ASN A 492 -4.72 -6.33 -15.76
C ASN A 492 -5.53 -7.63 -15.94
N PHE A 493 -6.13 -8.10 -14.84
CA PHE A 493 -6.68 -9.46 -14.76
C PHE A 493 -7.78 -9.80 -15.75
N GLY A 494 -8.58 -8.79 -16.14
CA GLY A 494 -9.63 -8.96 -17.15
C GLY A 494 -9.20 -8.57 -18.55
N HIS A 495 -8.00 -8.03 -18.67
CA HIS A 495 -7.32 -7.85 -19.96
C HIS A 495 -8.03 -6.85 -20.89
N PHE A 496 -8.48 -5.73 -20.36
CA PHE A 496 -9.05 -4.72 -21.24
C PHE A 496 -7.94 -3.93 -21.94
N ASN A 497 -8.22 -3.34 -23.08
CA ASN A 497 -7.23 -2.57 -23.83
C ASN A 497 -7.98 -1.45 -24.56
N ASP A 498 -7.80 -0.21 -24.10
CA ASP A 498 -8.67 0.91 -24.45
C ASP A 498 -7.79 2.13 -24.72
N SER A 499 -7.87 2.69 -25.93
CA SER A 499 -6.98 3.78 -26.34
C SER A 499 -7.10 5.01 -25.45
N GLU A 500 -8.32 5.30 -24.99
CA GLU A 500 -8.62 6.45 -24.12
C GLU A 500 -7.99 6.25 -22.75
N ILE A 501 -8.09 5.03 -22.22
CA ILE A 501 -7.49 4.73 -20.92
C ILE A 501 -5.97 4.76 -21.01
N THR A 502 -5.40 4.23 -22.10
CA THR A 502 -3.95 4.31 -22.29
C THR A 502 -3.45 5.76 -22.30
N LYS A 503 -4.17 6.63 -23.03
CA LYS A 503 -3.89 8.06 -23.07
C LYS A 503 -3.91 8.65 -21.68
N ASP A 504 -4.95 8.30 -20.92
CA ASP A 504 -5.17 8.80 -19.58
C ASP A 504 -4.03 8.38 -18.64
N LEU A 505 -3.63 7.12 -18.72
CA LEU A 505 -2.52 6.61 -17.96
C LEU A 505 -1.19 7.30 -18.32
N ASN A 506 -0.93 7.46 -19.61
CA ASN A 506 0.29 8.12 -20.03
C ASN A 506 0.32 9.58 -19.52
N ASP A 507 -0.84 10.24 -19.52
CA ASP A 507 -0.91 11.63 -19.14
C ASP A 507 -0.54 11.82 -17.67
N ILE A 508 -0.99 10.87 -16.84
CA ILE A 508 -0.71 10.88 -15.41
C ILE A 508 0.82 10.88 -15.18
N ASP A 509 1.56 10.17 -16.02
CA ASP A 509 2.99 10.03 -15.86
C ASP A 509 3.80 10.91 -16.82
N SER A 510 3.13 11.89 -17.44
CA SER A 510 3.80 12.78 -18.41
C SER A 510 4.57 13.94 -17.77
N ALA A 511 5.40 14.61 -18.55
CA ALA A 511 6.15 15.75 -18.04
C ALA A 511 5.20 16.87 -17.57
N LYS A 512 4.06 17.03 -18.23
CA LYS A 512 3.08 18.02 -17.80
C LYS A 512 2.57 17.75 -16.38
N SER A 513 2.53 16.47 -15.99
CA SER A 513 2.11 16.09 -14.62
C SER A 513 3.15 16.38 -13.52
N GLU A 514 4.29 16.99 -13.87
CA GLU A 514 5.19 17.55 -12.87
C GLU A 514 4.47 18.68 -12.13
N ASN A 515 3.48 19.28 -12.79
CA ASN A 515 2.63 20.26 -12.13
C ASN A 515 1.53 19.54 -11.35
N PRO A 516 1.48 19.74 -10.03
CA PRO A 516 0.51 18.98 -9.20
C PRO A 516 -0.96 19.17 -9.57
N THR A 517 -1.35 20.38 -9.97
CA THR A 517 -2.73 20.63 -10.38
C THR A 517 -3.04 19.86 -11.66
N TYR A 518 -2.12 19.90 -12.63
CA TYR A 518 -2.28 19.12 -13.84
C TYR A 518 -2.40 17.62 -13.55
N ARG A 519 -1.52 17.11 -12.70
CA ARG A 519 -1.54 15.69 -12.36
C ARG A 519 -2.83 15.29 -11.69
N LYS A 520 -3.34 16.11 -10.78
CA LYS A 520 -4.60 15.80 -10.10
C LYS A 520 -5.71 15.68 -11.17
N ALA A 521 -5.77 16.65 -12.07
CA ALA A 521 -6.75 16.63 -13.15
C ALA A 521 -6.62 15.35 -14.00
N ALA A 522 -5.38 14.91 -14.26
CA ALA A 522 -5.15 13.68 -15.04
C ALA A 522 -5.63 12.44 -14.28
N PHE A 523 -5.35 12.37 -12.98
CA PHE A 523 -5.88 11.28 -12.14
C PHE A 523 -7.39 11.29 -12.11
N VAL A 524 -8.00 12.47 -11.98
CA VAL A 524 -9.45 12.59 -11.97
C VAL A 524 -10.10 12.13 -13.28
N LYS A 525 -9.59 12.60 -14.41
CA LYS A 525 -10.10 12.18 -15.73
C LYS A 525 -10.02 10.67 -15.87
N TYR A 526 -8.85 10.14 -15.53
CA TYR A 526 -8.63 8.69 -15.57
C TYR A 526 -9.72 7.94 -14.78
N GLN A 527 -9.98 8.38 -13.54
CA GLN A 527 -10.98 7.75 -12.67
C GLN A 527 -12.40 7.87 -13.23
N GLU A 528 -12.73 9.03 -13.78
CA GLU A 528 -14.02 9.19 -14.44
C GLU A 528 -14.14 8.24 -15.62
N ASP A 529 -13.10 8.19 -16.45
CA ASP A 529 -13.14 7.37 -17.65
C ASP A 529 -13.24 5.89 -17.28
N MET A 530 -12.51 5.46 -16.27
CA MET A 530 -12.58 4.06 -15.84
C MET A 530 -13.99 3.72 -15.35
N ASN A 531 -14.61 4.62 -14.58
CA ASN A 531 -15.97 4.36 -14.08
C ASN A 531 -16.99 4.27 -15.21
N LYS A 532 -16.86 5.15 -16.20
CA LYS A 532 -17.79 5.15 -17.34
C LYS A 532 -17.62 3.90 -18.19
N LYS A 533 -16.39 3.59 -18.58
CA LYS A 533 -16.12 2.36 -19.34
C LYS A 533 -16.47 1.09 -18.56
N ALA A 534 -16.19 1.06 -17.26
CA ALA A 534 -16.64 -0.01 -16.39
C ALA A 534 -16.03 -1.37 -16.75
N TYR A 535 -14.78 -1.38 -17.22
CA TYR A 535 -14.00 -2.61 -17.35
C TYR A 535 -13.75 -3.22 -15.96
N VAL A 536 -13.58 -2.32 -14.98
CA VAL A 536 -13.56 -2.63 -13.58
C VAL A 536 -14.47 -1.65 -12.84
N ILE A 537 -14.94 -2.06 -11.66
CA ILE A 537 -15.86 -1.29 -10.82
C ILE A 537 -15.21 -1.16 -9.43
N PRO A 538 -14.99 0.06 -8.94
CA PRO A 538 -14.46 0.19 -7.56
C PRO A 538 -15.47 -0.35 -6.55
N THR A 539 -14.99 -1.03 -5.52
CA THR A 539 -15.87 -1.64 -4.54
C THR A 539 -15.77 -0.91 -3.20
N ASN A 540 -14.66 -1.09 -2.46
CA ASN A 540 -14.50 -0.51 -1.13
C ASN A 540 -13.17 0.18 -0.91
N PHE A 541 -13.23 1.23 -0.08
CA PHE A 541 -12.09 1.76 0.62
C PHE A 541 -12.13 1.14 2.01
N MET A 542 -11.07 1.28 2.76
CA MET A 542 -11.11 0.77 4.12
C MET A 542 -10.47 1.74 5.11
N LEU A 543 -10.78 1.49 6.38
CA LEU A 543 -10.22 2.20 7.52
C LEU A 543 -9.42 1.20 8.34
N ASN A 544 -8.28 1.65 8.88
CA ASN A 544 -7.55 0.86 9.86
C ASN A 544 -7.84 1.43 11.23
N TYR A 545 -7.82 0.60 12.26
CA TYR A 545 -8.01 1.10 13.62
C TYR A 545 -6.85 0.69 14.53
N THR A 546 -6.64 1.49 15.57
CA THR A 546 -5.60 1.23 16.57
C THR A 546 -6.10 1.57 17.97
N PRO A 547 -6.19 0.58 18.87
CA PRO A 547 -6.53 0.94 20.24
C PRO A 547 -5.35 1.57 20.98
N VAL A 548 -5.65 2.60 21.78
CA VAL A 548 -4.64 3.38 22.49
C VAL A 548 -5.07 3.57 23.95
N ASN A 549 -4.24 3.10 24.87
CA ASN A 549 -4.50 3.24 26.29
C ASN A 549 -4.65 4.70 26.63
N LYS A 550 -5.63 5.00 27.47
CA LYS A 550 -5.92 6.40 27.80
C LYS A 550 -4.79 7.18 28.47
N ARG A 551 -3.76 6.49 28.96
CA ARG A 551 -2.61 7.20 29.51
C ARG A 551 -1.65 7.77 28.45
N VAL A 552 -1.75 7.34 27.20
CA VAL A 552 -0.80 7.76 26.17
C VAL A 552 -1.09 9.21 25.74
N VAL A 553 -0.02 9.98 25.63
CA VAL A 553 -0.08 11.38 25.22
C VAL A 553 0.63 11.57 23.89
N GLY A 554 -0.01 12.30 22.99
CA GLY A 554 0.55 12.64 21.69
C GLY A 554 0.46 11.55 20.63
N MET A 555 -0.36 10.55 20.83
CA MET A 555 -0.57 9.53 19.80
C MET A 555 -1.53 10.01 18.71
N THR A 556 -1.15 9.73 17.46
CA THR A 556 -1.94 10.10 16.31
C THR A 556 -1.62 9.17 15.14
N LEU A 557 -2.63 8.90 14.31
CA LEU A 557 -2.49 8.12 13.09
C LEU A 557 -2.24 9.01 11.86
N ASP A 558 -2.17 10.33 12.07
CA ASP A 558 -1.96 11.30 10.96
C ASP A 558 -0.71 10.92 10.17
N TYR A 559 -0.86 10.71 8.87
CA TYR A 559 0.28 10.31 8.04
C TYR A 559 1.35 11.41 7.89
N GLY A 560 0.95 12.65 8.14
CA GLY A 560 1.86 13.80 8.13
C GLY A 560 2.62 14.02 9.42
N ALA A 561 2.34 13.21 10.44
CA ALA A 561 3.01 13.32 11.73
C ALA A 561 4.37 12.64 11.64
N MET A 562 5.44 13.43 11.61
CA MET A 562 6.78 12.91 11.36
C MET A 562 7.61 12.62 12.61
N ASN A 563 7.19 13.13 13.76
CA ASN A 563 8.00 13.00 14.99
C ASN A 563 7.26 12.30 16.13
N THR A 564 6.33 11.40 15.83
CA THR A 564 5.50 10.79 16.87
C THR A 564 6.34 10.03 17.90
N TRP A 565 7.38 9.31 17.47
CA TRP A 565 8.20 8.57 18.46
C TRP A 565 8.97 9.48 19.43
N SER A 566 9.28 10.71 19.01
CA SER A 566 9.90 11.67 19.93
C SER A 566 8.88 12.43 20.78
N GLU A 567 7.68 12.63 20.24
CA GLU A 567 6.63 13.41 20.89
C GLU A 567 5.82 12.59 21.87
N ILE A 568 5.66 11.30 21.60
CA ILE A 568 4.75 10.44 22.37
C ILE A 568 5.24 10.27 23.82
N GLY A 569 4.31 10.25 24.75
CA GLY A 569 4.61 10.08 26.17
C GLY A 569 3.47 9.42 26.90
N VAL A 570 3.58 9.36 28.22
CA VAL A 570 2.51 8.81 29.04
C VAL A 570 2.15 9.82 30.14
N SER A 571 0.89 9.80 30.60
CA SER A 571 0.42 10.75 31.63
C SER A 571 0.69 10.26 33.07
N SER A 572 0.92 8.96 33.21
CA SER A 572 1.29 8.33 34.48
C SER A 572 2.12 7.09 34.19
N ALA B 1 5.13 -3.93 -8.57
CA ALA B 1 6.35 -3.87 -7.69
C ALA B 1 6.25 -2.82 -6.60
N ALA B 2 5.22 -1.96 -6.70
CA ALA B 2 4.89 -1.01 -5.66
C ALA B 2 3.75 -1.55 -4.80
N SER B 3 2.72 -2.04 -5.48
CA SER B 3 1.49 -2.44 -4.80
C SER B 3 1.47 -3.95 -4.60
N ALA B 4 0.76 -4.38 -3.57
CA ALA B 4 0.67 -5.79 -3.20
C ALA B 4 -0.79 -6.24 -3.12
N SER B 5 -1.01 -7.50 -3.46
CA SER B 5 -2.25 -8.18 -3.11
C SER B 5 -2.50 -8.00 -1.60
N ALA B 6 -3.68 -7.52 -1.24
CA ALA B 6 -4.03 -7.37 0.17
C ALA B 6 -5.18 -6.42 0.36
#